data_8ZVA
#
_entry.id   8ZVA
#
_cell.length_a   70.029
_cell.length_b   70.029
_cell.length_c   120.323
_cell.angle_alpha   90.000
_cell.angle_beta   90.000
_cell.angle_gamma   90.000
#
_symmetry.space_group_name_H-M   'P 43 21 2'
#
loop_
_entity.id
_entity.type
_entity.pdbx_description
1 polymer 'DNA processing protein DprA'
2 non-polymer GLYCEROL
3 non-polymer 'CHLORIDE ION'
4 water water
#
_entity_poly.entity_id   1
_entity_poly.type   'polypeptide(L)'
_entity_poly.pdbx_seq_one_letter_code
;GASGSMTDIETARWNTESAALLALSEIHGVSYWTLYKVAQKGIRFRDIVTSQTLANFEYLLGVKLHRQPYYLNEGNWSVF
RDSMISTAKILLTHYHNSGYKIIHHGSPSYPDKLNDLSEPPFWLFAQGNVSLLDKKCVGVVGTRNPTALGIYLTQAVISQ
FIDSDYSTVSGLAYGIDQSAHEASLLFKIPTIAVLGTGVNSNYPKNSGEMRGHIVNNGGLILTEYLPNQKPSQENFVRRN
RIQAALSDVLIPVEWGLKSGTSHTVRYAAQLKRAILCPLLRGTTPQEEIKHALSEYSATIMNIPLSDFKDVQSLIKSA
;
_entity_poly.pdbx_strand_id   A
#
# COMPACT_ATOMS: atom_id res chain seq x y z
N GLU A 10 14.96 -7.07 20.67
CA GLU A 10 14.79 -7.03 19.22
C GLU A 10 13.99 -5.77 18.85
N THR A 11 12.97 -5.52 19.68
CA THR A 11 12.10 -4.37 19.53
C THR A 11 12.91 -3.09 19.42
N ALA A 12 13.98 -2.98 20.19
CA ALA A 12 14.71 -1.72 20.29
C ALA A 12 15.60 -1.46 19.07
N ARG A 13 16.06 -2.54 18.44
CA ARG A 13 16.80 -2.38 17.20
C ARG A 13 15.93 -1.72 16.14
N TRP A 14 14.73 -2.24 15.93
CA TRP A 14 13.86 -1.71 14.89
C TRP A 14 13.30 -0.35 15.25
N ASN A 15 13.07 -0.10 16.55
CA ASN A 15 12.64 1.23 16.96
C ASN A 15 13.72 2.27 16.70
N THR A 16 15.00 1.89 16.82
CA THR A 16 16.08 2.81 16.50
C THR A 16 16.13 3.09 15.01
N GLU A 17 15.90 2.07 14.18
CA GLU A 17 15.82 2.29 12.74
C GLU A 17 14.58 3.10 12.38
N SER A 18 13.46 2.87 13.08
CA SER A 18 12.27 3.67 12.86
C SER A 18 12.55 5.14 13.15
N ALA A 19 13.18 5.43 14.29
CA ALA A 19 13.45 6.82 14.65
C ALA A 19 14.42 7.46 13.66
N ALA A 20 15.39 6.69 13.16
CA ALA A 20 16.32 7.23 12.18
C ALA A 20 15.61 7.57 10.88
N LEU A 21 14.68 6.72 10.44
CA LEU A 21 13.90 7.01 9.24
C LEU A 21 13.11 8.29 9.41
N LEU A 22 12.42 8.43 10.55
CA LEU A 22 11.65 9.65 10.81
C LEU A 22 12.56 10.85 10.91
N ALA A 23 13.75 10.68 11.49
CA ALA A 23 14.71 11.78 11.58
C ALA A 23 15.06 12.32 10.20
N LEU A 24 15.47 11.42 9.29
CA LEU A 24 15.85 11.86 7.95
C LEU A 24 14.66 12.43 7.19
N SER A 25 13.51 11.77 7.31
CA SER A 25 12.34 12.17 6.52
C SER A 25 11.72 13.45 7.06
N GLU A 26 11.30 13.44 8.32
CA GLU A 26 10.48 14.53 8.85
C GLU A 26 11.32 15.72 9.27
N ILE A 27 12.47 15.48 9.90
CA ILE A 27 13.30 16.58 10.38
C ILE A 27 14.10 17.18 9.24
N HIS A 28 14.90 16.36 8.56
CA HIS A 28 15.81 16.87 7.55
C HIS A 28 15.20 16.93 6.15
N GLY A 29 14.06 16.29 5.93
CA GLY A 29 13.36 16.45 4.68
C GLY A 29 13.89 15.63 3.52
N VAL A 30 14.49 14.47 3.80
CA VAL A 30 15.03 13.65 2.73
C VAL A 30 13.89 13.02 1.93
N SER A 31 14.07 12.98 0.62
CA SER A 31 13.04 12.50 -0.30
C SER A 31 12.74 11.03 -0.06
N TYR A 32 11.57 10.59 -0.57
CA TYR A 32 11.28 9.17 -0.61
C TYR A 32 12.33 8.44 -1.45
N TRP A 33 12.60 8.95 -2.65
CA TRP A 33 13.51 8.27 -3.56
C TRP A 33 14.92 8.19 -2.99
N THR A 34 15.40 9.29 -2.37
CA THR A 34 16.72 9.26 -1.77
C THR A 34 16.81 8.16 -0.72
N LEU A 35 15.84 8.12 0.20
CA LEU A 35 15.87 7.11 1.25
C LEU A 35 15.61 5.72 0.70
N TYR A 36 14.84 5.59 -0.38
CA TYR A 36 14.61 4.28 -0.95
C TYR A 36 15.91 3.67 -1.47
N LYS A 37 16.65 4.44 -2.27
CA LYS A 37 17.90 3.92 -2.83
C LYS A 37 18.96 3.72 -1.75
N VAL A 38 18.91 4.51 -0.69
CA VAL A 38 19.75 4.23 0.48
C VAL A 38 19.48 2.81 0.98
N ALA A 39 18.23 2.55 1.36
CA ALA A 39 17.88 1.22 1.86
C ALA A 39 18.09 0.14 0.81
N GLN A 40 17.91 0.48 -0.47
CA GLN A 40 18.15 -0.49 -1.53
C GLN A 40 19.59 -0.97 -1.52
N LYS A 41 20.53 -0.10 -1.15
CA LYS A 41 21.94 -0.46 -1.10
C LYS A 41 22.30 -1.27 0.14
N GLY A 42 21.38 -1.44 1.07
CA GLY A 42 21.69 -2.08 2.33
C GLY A 42 22.22 -1.15 3.40
N ILE A 43 22.16 0.15 3.18
CA ILE A 43 22.56 1.14 4.18
C ILE A 43 21.41 1.32 5.16
N ARG A 44 21.72 1.24 6.45
CA ARG A 44 20.72 1.43 7.49
C ARG A 44 20.67 2.89 7.90
N PHE A 45 19.46 3.42 8.04
CA PHE A 45 19.29 4.82 8.39
C PHE A 45 19.92 5.13 9.75
N ARG A 46 19.94 4.16 10.66
CA ARG A 46 20.55 4.38 11.96
C ARG A 46 22.00 4.83 11.83
N ASP A 47 22.76 4.18 10.96
CA ASP A 47 24.16 4.54 10.79
C ASP A 47 24.35 5.84 10.01
N ILE A 48 23.36 6.27 9.23
CA ILE A 48 23.43 7.60 8.64
C ILE A 48 23.30 8.67 9.72
N VAL A 49 22.30 8.54 10.60
CA VAL A 49 22.07 9.57 11.59
C VAL A 49 23.18 9.62 12.64
N THR A 50 23.94 8.52 12.79
CA THR A 50 25.06 8.50 13.72
C THR A 50 26.38 8.84 13.05
N SER A 51 26.34 9.29 11.79
CA SER A 51 27.55 9.74 11.12
C SER A 51 28.23 10.82 11.95
N GLN A 52 29.57 10.80 11.96
CA GLN A 52 30.33 11.75 12.75
C GLN A 52 30.81 12.96 11.94
N THR A 53 30.68 12.92 10.62
CA THR A 53 30.96 14.05 9.76
C THR A 53 29.75 14.33 8.87
N LEU A 54 29.70 15.53 8.30
CA LEU A 54 28.71 15.77 7.26
C LEU A 54 29.11 15.10 5.96
N ALA A 55 30.41 15.00 5.68
CA ALA A 55 30.87 14.25 4.51
C ALA A 55 30.37 12.81 4.56
N ASN A 56 30.56 12.16 5.70
CA ASN A 56 30.03 10.80 5.88
C ASN A 56 28.51 10.80 5.73
N PHE A 57 27.83 11.71 6.42
CA PHE A 57 26.39 11.87 6.29
C PHE A 57 25.96 11.90 4.83
N GLU A 58 26.54 12.81 4.04
CA GLU A 58 26.10 12.99 2.67
C GLU A 58 26.56 11.87 1.75
N TYR A 59 27.69 11.22 2.05
CA TYR A 59 28.11 10.06 1.28
C TYR A 59 27.12 8.92 1.41
N LEU A 60 26.81 8.54 2.66
CA LEU A 60 25.86 7.45 2.87
C LEU A 60 24.48 7.80 2.32
N LEU A 61 24.05 9.06 2.48
CA LEU A 61 22.75 9.49 1.98
C LEU A 61 22.72 9.60 0.46
N GLY A 62 23.87 9.55 -0.20
CA GLY A 62 23.88 9.48 -1.65
C GLY A 62 23.57 10.77 -2.37
N VAL A 63 23.80 11.91 -1.73
CA VAL A 63 23.56 13.21 -2.34
C VAL A 63 24.91 13.84 -2.68
N LYS A 64 24.86 14.93 -3.44
CA LYS A 64 26.09 15.59 -3.85
C LYS A 64 26.70 16.33 -2.67
N LEU A 65 27.96 16.04 -2.38
CA LEU A 65 28.61 16.59 -1.19
C LEU A 65 28.83 18.08 -1.33
N HIS A 66 28.46 18.83 -0.30
CA HIS A 66 28.59 20.28 -0.31
C HIS A 66 30.03 20.69 -0.06
N ARG A 67 30.43 21.79 -0.71
CA ARG A 67 31.72 22.40 -0.45
C ARG A 67 31.56 23.42 0.68
N GLN A 68 32.66 24.08 1.04
CA GLN A 68 32.53 25.23 1.92
C GLN A 68 32.41 26.51 1.10
N PRO A 69 31.65 27.50 1.57
CA PRO A 69 30.97 27.56 2.87
C PRO A 69 29.59 26.92 2.89
N TYR A 70 29.26 26.26 4.00
CA TYR A 70 27.98 25.58 4.17
C TYR A 70 27.59 25.69 5.64
N TYR A 71 26.28 25.90 5.88
CA TYR A 71 25.82 26.17 7.24
C TYR A 71 25.95 24.96 8.15
N LEU A 72 26.00 23.75 7.61
CA LEU A 72 26.34 22.56 8.38
C LEU A 72 27.84 22.32 8.26
N ASN A 73 28.52 22.19 9.39
CA ASN A 73 29.97 22.15 9.39
C ASN A 73 30.45 21.45 10.66
N GLU A 74 31.77 21.41 10.83
CA GLU A 74 32.37 20.72 11.97
C GLU A 74 32.01 21.39 13.28
N GLY A 75 31.78 22.70 13.27
CA GLY A 75 31.57 23.43 14.50
C GLY A 75 30.22 23.19 15.16
N ASN A 76 29.22 22.79 14.38
CA ASN A 76 27.88 22.55 14.91
C ASN A 76 27.37 21.15 14.63
N TRP A 77 28.27 20.23 14.25
CA TRP A 77 27.81 18.92 13.80
C TRP A 77 27.24 18.10 14.94
N SER A 78 27.94 18.08 16.08
CA SER A 78 27.52 17.22 17.19
C SER A 78 26.09 17.52 17.60
N VAL A 79 25.76 18.80 17.77
CA VAL A 79 24.41 19.17 18.19
C VAL A 79 23.40 18.86 17.09
N PHE A 80 23.75 19.17 15.83
CA PHE A 80 22.88 18.80 14.72
C PHE A 80 22.53 17.32 14.78
N ARG A 81 23.53 16.48 15.03
CA ARG A 81 23.30 15.03 15.07
C ARG A 81 22.54 14.63 16.34
N ASP A 82 22.98 15.11 17.49
CA ASP A 82 22.36 14.68 18.74
C ASP A 82 20.94 15.22 18.86
N SER A 83 20.71 16.47 18.47
CA SER A 83 19.38 17.06 18.59
CA SER A 83 19.38 17.05 18.59
C SER A 83 18.38 16.38 17.66
N MET A 84 18.82 15.94 16.48
CA MET A 84 17.91 15.25 15.58
C MET A 84 17.60 13.85 16.07
N ILE A 85 18.59 13.16 16.64
CA ILE A 85 18.34 11.85 17.23
C ILE A 85 17.37 11.98 18.39
N SER A 86 17.59 12.97 19.26
CA SER A 86 16.70 13.16 20.40
C SER A 86 15.31 13.54 19.95
N THR A 87 15.20 14.45 18.98
CA THR A 87 13.89 14.83 18.45
C THR A 87 13.15 13.62 17.91
N ALA A 88 13.83 12.79 17.11
CA ALA A 88 13.16 11.71 16.42
C ALA A 88 12.73 10.61 17.37
N LYS A 89 13.44 10.43 18.49
CA LYS A 89 13.04 9.39 19.44
C LYS A 89 11.66 9.69 20.03
N ILE A 90 11.41 10.97 20.36
CA ILE A 90 10.09 11.34 20.86
C ILE A 90 9.06 11.29 19.73
N LEU A 91 9.46 11.69 18.52
CA LEU A 91 8.55 11.71 17.39
C LEU A 91 7.99 10.33 17.11
N LEU A 92 8.77 9.27 17.35
CA LEU A 92 8.26 7.93 17.12
C LEU A 92 7.25 7.53 18.19
N THR A 93 7.51 7.87 19.46
CA THR A 93 6.50 7.65 20.48
C THR A 93 5.23 8.43 20.15
N HIS A 94 5.36 9.59 19.51
CA HIS A 94 4.21 10.35 19.07
C HIS A 94 3.38 9.57 18.06
N TYR A 95 4.05 8.92 17.10
CA TYR A 95 3.33 8.15 16.09
C TYR A 95 2.84 6.82 16.64
N HIS A 96 3.62 6.19 17.52
CA HIS A 96 3.16 4.98 18.20
C HIS A 96 1.85 5.24 18.94
N ASN A 97 1.74 6.41 19.58
CA ASN A 97 0.56 6.73 20.36
C ASN A 97 -0.70 6.78 19.49
N SER A 98 -0.57 7.16 18.23
CA SER A 98 -1.70 7.18 17.32
C SER A 98 -2.00 5.80 16.72
N GLY A 99 -1.31 4.77 17.18
CA GLY A 99 -1.55 3.42 16.69
C GLY A 99 -0.77 3.05 15.45
N TYR A 100 0.20 3.85 15.04
CA TYR A 100 1.01 3.56 13.86
C TYR A 100 2.18 2.67 14.23
N LYS A 101 2.49 1.73 13.34
CA LYS A 101 3.67 0.89 13.44
C LYS A 101 4.48 1.04 12.16
N ILE A 102 5.81 1.04 12.29
CA ILE A 102 6.72 1.07 11.15
C ILE A 102 7.32 -0.33 11.01
N ILE A 103 7.08 -0.96 9.86
CA ILE A 103 7.56 -2.31 9.57
C ILE A 103 8.70 -2.19 8.57
N HIS A 104 9.85 -2.72 8.92
CA HIS A 104 11.05 -2.59 8.11
C HIS A 104 11.30 -3.86 7.30
N HIS A 105 11.84 -3.68 6.10
CA HIS A 105 12.25 -4.82 5.30
C HIS A 105 13.42 -5.52 5.99
N GLY A 106 13.30 -6.84 6.12
CA GLY A 106 14.26 -7.63 6.85
C GLY A 106 13.82 -8.03 8.24
N SER A 107 12.69 -7.51 8.70
CA SER A 107 12.15 -7.80 10.03
C SER A 107 11.12 -8.91 9.96
N PRO A 108 10.84 -9.57 11.08
CA PRO A 108 9.87 -10.68 11.05
C PRO A 108 8.47 -10.27 10.63
N SER A 109 8.08 -9.02 10.90
CA SER A 109 6.73 -8.57 10.55
C SER A 109 6.56 -8.29 9.05
N TYR A 110 7.65 -8.23 8.30
CA TYR A 110 7.57 -7.89 6.88
C TYR A 110 6.98 -9.05 6.09
N PRO A 111 6.00 -8.82 5.23
CA PRO A 111 5.34 -9.94 4.53
C PRO A 111 6.17 -10.46 3.36
N ASP A 112 6.22 -11.78 3.26
CA ASP A 112 7.03 -12.42 2.22
C ASP A 112 6.61 -11.97 0.83
N LYS A 113 5.30 -11.80 0.62
CA LYS A 113 4.80 -11.54 -0.73
C LYS A 113 5.48 -10.33 -1.36
N LEU A 114 5.85 -9.34 -0.55
CA LEU A 114 6.41 -8.11 -1.09
C LEU A 114 7.83 -8.31 -1.62
N ASN A 115 8.52 -9.36 -1.21
CA ASN A 115 9.83 -9.67 -1.75
C ASN A 115 9.76 -10.37 -3.11
N ASP A 116 8.55 -10.55 -3.65
CA ASP A 116 8.40 -10.91 -5.05
C ASP A 116 8.62 -9.72 -5.96
N LEU A 117 8.60 -8.50 -5.42
CA LEU A 117 8.79 -7.30 -6.21
C LEU A 117 10.26 -7.08 -6.51
N SER A 118 10.54 -6.58 -7.72
CA SER A 118 11.90 -6.12 -8.03
C SER A 118 12.30 -4.99 -7.09
N GLU A 119 11.37 -4.10 -6.79
CA GLU A 119 11.60 -2.96 -5.90
C GLU A 119 10.68 -3.12 -4.69
N PRO A 120 11.04 -3.97 -3.74
CA PRO A 120 10.21 -4.13 -2.54
C PRO A 120 10.26 -2.88 -1.67
N PRO A 121 9.16 -2.49 -1.04
CA PRO A 121 9.23 -1.41 -0.05
C PRO A 121 10.16 -1.79 1.09
N PHE A 122 11.06 -0.90 1.43
CA PHE A 122 12.01 -1.14 2.52
C PHE A 122 11.49 -0.64 3.86
N TRP A 123 10.33 0.00 3.89
CA TRP A 123 9.64 0.31 5.12
C TRP A 123 8.15 0.44 4.82
N LEU A 124 7.34 0.24 5.85
CA LEU A 124 5.89 0.37 5.73
C LEU A 124 5.35 0.99 7.01
N PHE A 125 4.49 1.99 6.86
CA PHE A 125 3.70 2.52 7.97
C PHE A 125 2.39 1.75 8.04
N ALA A 126 2.01 1.30 9.23
CA ALA A 126 0.83 0.46 9.38
C ALA A 126 -0.04 0.91 10.54
N GLN A 127 -1.35 0.84 10.34
CA GLN A 127 -2.33 1.12 11.38
C GLN A 127 -3.41 0.05 11.29
N GLY A 128 -3.50 -0.80 12.32
CA GLY A 128 -4.51 -1.85 12.36
C GLY A 128 -3.85 -3.23 12.44
N ASN A 129 -4.46 -4.18 11.74
CA ASN A 129 -4.11 -5.60 11.86
C ASN A 129 -3.07 -5.96 10.81
N VAL A 130 -1.81 -6.04 11.23
CA VAL A 130 -0.72 -6.30 10.29
C VAL A 130 -0.75 -7.75 9.83
N SER A 131 -1.31 -8.65 10.64
CA SER A 131 -1.27 -10.06 10.30
C SER A 131 -2.01 -10.39 9.01
N LEU A 132 -2.83 -9.45 8.50
CA LEU A 132 -3.56 -9.71 7.27
C LEU A 132 -2.63 -9.82 6.07
N LEU A 133 -1.49 -9.14 6.11
CA LEU A 133 -0.56 -9.16 4.98
C LEU A 133 0.00 -10.56 4.74
N ASP A 134 -0.01 -11.40 5.78
CA ASP A 134 0.53 -12.75 5.72
C ASP A 134 -0.51 -13.80 5.35
N LYS A 135 -1.75 -13.40 5.11
CA LYS A 135 -2.84 -14.31 4.86
C LYS A 135 -3.42 -14.04 3.47
N LYS A 136 -4.40 -14.86 3.09
CA LYS A 136 -4.97 -14.75 1.76
C LYS A 136 -5.60 -13.38 1.57
N CYS A 137 -5.34 -12.78 0.41
CA CYS A 137 -5.84 -11.45 0.07
C CYS A 137 -6.34 -11.47 -1.37
N VAL A 138 -7.42 -10.74 -1.61
CA VAL A 138 -7.98 -10.58 -2.96
C VAL A 138 -8.04 -9.09 -3.25
N GLY A 139 -7.33 -8.66 -4.28
CA GLY A 139 -7.38 -7.27 -4.68
C GLY A 139 -8.61 -6.97 -5.53
N VAL A 140 -9.26 -5.86 -5.21
CA VAL A 140 -10.42 -5.37 -5.93
C VAL A 140 -10.18 -3.90 -6.22
N VAL A 141 -10.01 -3.57 -7.50
CA VAL A 141 -9.54 -2.24 -7.90
C VAL A 141 -10.18 -1.87 -9.23
N GLY A 142 -10.19 -0.58 -9.53
CA GLY A 142 -10.77 -0.15 -10.79
C GLY A 142 -10.77 1.36 -10.91
N THR A 143 -11.43 1.81 -11.98
CA THR A 143 -11.45 3.23 -12.31
C THR A 143 -11.93 4.06 -11.14
N ARG A 144 -11.48 5.31 -11.09
CA ARG A 144 -11.99 6.25 -10.11
C ARG A 144 -13.36 6.81 -10.51
N ASN A 145 -13.88 6.43 -11.66
CA ASN A 145 -15.09 7.03 -12.20
C ASN A 145 -15.94 5.95 -12.81
N PRO A 146 -16.44 5.02 -11.98
CA PRO A 146 -17.15 3.84 -12.48
C PRO A 146 -18.58 4.15 -12.92
N THR A 147 -19.10 3.27 -13.76
CA THR A 147 -20.51 3.26 -14.09
C THR A 147 -21.30 2.67 -12.92
N ALA A 148 -22.63 2.74 -13.03
CA ALA A 148 -23.47 2.13 -12.02
C ALA A 148 -23.20 0.63 -11.92
N LEU A 149 -22.99 -0.04 -13.05
CA LEU A 149 -22.78 -1.48 -13.05
C LEU A 149 -21.44 -1.84 -12.44
N GLY A 150 -20.41 -1.03 -12.69
CA GLY A 150 -19.13 -1.29 -12.04
C GLY A 150 -19.25 -1.25 -10.53
N ILE A 151 -20.02 -0.30 -10.01
CA ILE A 151 -20.20 -0.21 -8.56
C ILE A 151 -20.88 -1.46 -8.03
N TYR A 152 -21.87 -1.98 -8.76
CA TYR A 152 -22.53 -3.19 -8.28
C TYR A 152 -21.60 -4.39 -8.34
N LEU A 153 -20.95 -4.58 -9.50
CA LEU A 153 -20.06 -5.73 -9.66
C LEU A 153 -19.02 -5.79 -8.55
N THR A 154 -18.50 -4.62 -8.14
CA THR A 154 -17.56 -4.57 -7.04
C THR A 154 -18.14 -5.25 -5.79
N GLN A 155 -19.36 -4.84 -5.40
CA GLN A 155 -19.99 -5.44 -4.24
C GLN A 155 -20.27 -6.91 -4.45
N ALA A 156 -20.80 -7.27 -5.63
CA ALA A 156 -21.13 -8.66 -5.90
C ALA A 156 -19.88 -9.54 -5.85
N VAL A 157 -18.76 -9.06 -6.40
CA VAL A 157 -17.53 -9.83 -6.35
C VAL A 157 -17.12 -10.11 -4.91
N ILE A 158 -17.12 -9.06 -4.08
CA ILE A 158 -16.61 -9.19 -2.72
C ILE A 158 -17.54 -10.05 -1.87
N SER A 159 -18.84 -10.05 -2.19
CA SER A 159 -19.77 -10.90 -1.43
C SER A 159 -19.43 -12.38 -1.61
N GLN A 160 -18.78 -12.74 -2.71
CA GLN A 160 -18.41 -14.13 -2.94
C GLN A 160 -17.42 -14.64 -1.91
N PHE A 161 -16.67 -13.74 -1.27
CA PHE A 161 -15.62 -14.11 -0.33
C PHE A 161 -16.11 -14.10 1.12
N ILE A 162 -17.42 -14.00 1.34
CA ILE A 162 -17.94 -14.05 2.70
C ILE A 162 -17.64 -15.41 3.30
N ASP A 163 -17.18 -15.40 4.56
CA ASP A 163 -16.82 -16.61 5.29
C ASP A 163 -15.68 -17.38 4.64
N SER A 164 -14.94 -16.75 3.75
CA SER A 164 -13.65 -17.26 3.32
C SER A 164 -12.58 -16.78 4.30
N ASP A 165 -11.37 -17.27 4.13
CA ASP A 165 -10.24 -16.78 4.93
C ASP A 165 -9.57 -15.58 4.29
N TYR A 166 -10.17 -14.99 3.28
CA TYR A 166 -9.57 -13.88 2.55
C TYR A 166 -9.91 -12.55 3.21
N SER A 167 -9.01 -11.59 3.06
CA SER A 167 -9.29 -10.17 3.25
C SER A 167 -9.20 -9.49 1.89
N THR A 168 -9.70 -8.26 1.83
CA THR A 168 -9.66 -7.48 0.60
C THR A 168 -8.55 -6.44 0.65
N VAL A 169 -8.02 -6.09 -0.52
CA VAL A 169 -6.99 -5.07 -0.64
C VAL A 169 -7.44 -4.10 -1.73
N SER A 170 -7.42 -2.81 -1.40
CA SER A 170 -7.68 -1.76 -2.38
C SER A 170 -6.92 -0.50 -1.95
N GLY A 171 -7.02 0.54 -2.78
CA GLY A 171 -6.18 1.71 -2.65
C GLY A 171 -6.82 2.93 -2.02
N LEU A 172 -7.99 2.79 -1.42
CA LEU A 172 -8.71 3.91 -0.81
C LEU A 172 -8.67 5.15 -1.72
N ALA A 173 -9.26 4.99 -2.90
CA ALA A 173 -9.40 6.06 -3.86
C ALA A 173 -10.86 6.13 -4.29
N TYR A 174 -11.23 7.27 -4.87
CA TYR A 174 -12.59 7.43 -5.36
C TYR A 174 -12.95 6.31 -6.33
N GLY A 175 -14.22 5.92 -6.33
CA GLY A 175 -14.71 4.99 -7.33
C GLY A 175 -14.68 3.55 -6.85
N ILE A 176 -14.17 2.66 -7.70
CA ILE A 176 -14.20 1.23 -7.41
C ILE A 176 -13.56 0.95 -6.06
N ASP A 177 -12.40 1.56 -5.80
CA ASP A 177 -11.67 1.26 -4.57
C ASP A 177 -12.51 1.57 -3.34
N GLN A 178 -13.17 2.73 -3.33
CA GLN A 178 -14.01 3.07 -2.19
C GLN A 178 -15.21 2.14 -2.08
N SER A 179 -15.78 1.75 -3.22
CA SER A 179 -16.87 0.77 -3.19
C SER A 179 -16.38 -0.60 -2.74
N ALA A 180 -15.12 -0.92 -3.00
CA ALA A 180 -14.56 -2.18 -2.53
C ALA A 180 -14.45 -2.18 -1.00
N HIS A 181 -13.92 -1.10 -0.43
CA HIS A 181 -13.82 -1.01 1.03
C HIS A 181 -15.19 -0.98 1.66
N GLU A 182 -16.10 -0.15 1.12
CA GLU A 182 -17.46 -0.09 1.65
C GLU A 182 -18.13 -1.45 1.61
N ALA A 183 -17.90 -2.23 0.54
CA ALA A 183 -18.50 -3.55 0.46
C ALA A 183 -17.90 -4.50 1.49
N SER A 184 -16.56 -4.50 1.61
CA SER A 184 -15.91 -5.36 2.58
C SER A 184 -16.43 -5.08 3.99
N LEU A 185 -16.53 -3.80 4.35
CA LEU A 185 -17.08 -3.44 5.66
C LEU A 185 -18.49 -3.96 5.81
N LEU A 186 -19.32 -3.78 4.78
CA LEU A 186 -20.72 -4.20 4.86
C LEU A 186 -20.84 -5.70 5.11
N PHE A 187 -20.02 -6.50 4.43
CA PHE A 187 -20.05 -7.95 4.58
C PHE A 187 -19.10 -8.46 5.66
N LYS A 188 -18.48 -7.56 6.42
CA LYS A 188 -17.60 -7.93 7.53
C LYS A 188 -16.39 -8.73 7.07
N ILE A 189 -15.87 -8.42 5.88
CA ILE A 189 -14.60 -8.95 5.42
C ILE A 189 -13.52 -7.93 5.76
N PRO A 190 -12.47 -8.32 6.49
CA PRO A 190 -11.39 -7.35 6.76
C PRO A 190 -10.81 -6.83 5.45
N THR A 191 -10.47 -5.54 5.44
CA THR A 191 -10.02 -4.87 4.23
C THR A 191 -8.74 -4.09 4.51
N ILE A 192 -7.87 -4.05 3.50
CA ILE A 192 -6.58 -3.37 3.58
C ILE A 192 -6.60 -2.22 2.58
N ALA A 193 -6.34 -1.01 3.08
CA ALA A 193 -6.24 0.17 2.25
C ALA A 193 -4.76 0.55 2.09
N VAL A 194 -4.26 0.49 0.86
CA VAL A 194 -2.90 0.89 0.54
C VAL A 194 -2.96 2.31 0.01
N LEU A 195 -2.35 3.24 0.73
CA LEU A 195 -2.52 4.66 0.43
C LEU A 195 -1.55 5.11 -0.64
N GLY A 196 -1.95 6.16 -1.35
CA GLY A 196 -1.07 6.86 -2.26
C GLY A 196 -0.53 8.12 -1.59
N THR A 197 -0.63 8.16 -0.26
CA THR A 197 -0.17 9.31 0.51
C THR A 197 0.52 8.81 1.78
N GLY A 198 1.06 9.76 2.54
CA GLY A 198 1.45 9.48 3.90
C GLY A 198 0.25 9.36 4.80
N VAL A 199 0.49 8.86 6.02
CA VAL A 199 -0.63 8.57 6.90
C VAL A 199 -1.33 9.82 7.40
N ASN A 200 -0.66 10.99 7.33
CA ASN A 200 -1.24 12.22 7.87
C ASN A 200 -2.23 12.87 6.93
N SER A 201 -2.27 12.49 5.66
CA SER A 201 -3.09 13.19 4.69
C SER A 201 -4.57 12.90 4.90
N ASN A 202 -5.40 13.87 4.53
CA ASN A 202 -6.85 13.73 4.58
C ASN A 202 -7.45 13.25 3.26
N TYR A 203 -6.62 12.98 2.26
CA TYR A 203 -7.05 12.48 0.96
C TYR A 203 -7.36 10.99 1.05
N PRO A 204 -8.45 10.51 0.42
CA PRO A 204 -9.47 11.31 -0.29
C PRO A 204 -10.50 11.93 0.66
N LYS A 205 -11.35 12.82 0.13
CA LYS A 205 -12.29 13.55 0.96
C LYS A 205 -13.14 12.60 1.81
N ASN A 206 -13.33 12.98 3.08
CA ASN A 206 -14.04 12.17 4.08
C ASN A 206 -13.54 10.74 4.08
N SER A 207 -12.25 10.63 4.41
CA SER A 207 -11.52 9.38 4.52
C SER A 207 -11.24 8.97 5.96
N GLY A 208 -11.31 9.91 6.90
CA GLY A 208 -10.92 9.62 8.26
C GLY A 208 -11.91 8.71 8.97
N GLU A 209 -13.19 8.79 8.59
CA GLU A 209 -14.16 7.87 9.18
C GLU A 209 -14.04 6.48 8.58
N MET A 210 -13.86 6.38 7.26
CA MET A 210 -13.70 5.07 6.65
C MET A 210 -12.45 4.37 7.19
N ARG A 211 -11.34 5.10 7.27
CA ARG A 211 -10.14 4.53 7.87
C ARG A 211 -10.43 4.06 9.29
N GLY A 212 -11.25 4.81 10.02
CA GLY A 212 -11.61 4.40 11.38
C GLY A 212 -12.41 3.11 11.38
N HIS A 213 -13.41 3.01 10.51
CA HIS A 213 -14.21 1.79 10.46
C HIS A 213 -13.39 0.62 9.96
N ILE A 214 -12.50 0.85 9.00
CA ILE A 214 -11.60 -0.21 8.54
C ILE A 214 -10.82 -0.77 9.72
N VAL A 215 -10.24 0.12 10.52
CA VAL A 215 -9.44 -0.31 11.66
C VAL A 215 -10.33 -0.97 12.71
N ASN A 216 -11.51 -0.39 12.97
CA ASN A 216 -12.40 -0.93 13.98
C ASN A 216 -12.90 -2.32 13.61
N ASN A 217 -12.93 -2.65 12.31
CA ASN A 217 -13.41 -3.95 11.85
C ASN A 217 -12.27 -4.91 11.58
N GLY A 218 -11.13 -4.72 12.24
CA GLY A 218 -10.01 -5.62 12.05
C GLY A 218 -9.28 -5.46 10.74
N GLY A 219 -9.36 -4.28 10.13
CA GLY A 219 -8.67 -4.00 8.88
C GLY A 219 -7.33 -3.35 9.10
N LEU A 220 -6.77 -2.84 8.00
CA LEU A 220 -5.41 -2.32 8.03
C LEU A 220 -5.26 -1.15 7.06
N ILE A 221 -4.61 -0.09 7.53
CA ILE A 221 -4.17 1.01 6.69
C ILE A 221 -2.67 0.84 6.47
N LEU A 222 -2.23 0.95 5.22
CA LEU A 222 -0.84 0.66 4.87
C LEU A 222 -0.34 1.69 3.87
N THR A 223 0.90 2.14 4.06
CA THR A 223 1.50 3.05 3.10
C THR A 223 3.02 2.95 3.18
N GLU A 224 3.66 3.00 2.02
CA GLU A 224 5.12 3.11 1.93
C GLU A 224 5.61 4.54 2.09
N TYR A 225 4.73 5.52 2.00
CA TYR A 225 5.12 6.92 1.91
C TYR A 225 5.30 7.54 3.29
N LEU A 226 6.14 8.57 3.34
CA LEU A 226 6.46 9.23 4.58
C LEU A 226 5.26 10.05 5.06
N PRO A 227 5.17 10.29 6.37
CA PRO A 227 3.91 10.77 6.94
C PRO A 227 3.22 11.90 6.18
N ASN A 228 3.96 12.90 5.72
CA ASN A 228 3.37 14.11 5.14
C ASN A 228 3.47 14.15 3.62
N GLN A 229 3.66 13.01 2.97
CA GLN A 229 3.70 12.99 1.51
C GLN A 229 2.31 13.19 0.93
N LYS A 230 2.17 14.12 0.00
CA LYS A 230 0.90 14.44 -0.61
C LYS A 230 0.52 13.40 -1.66
N PRO A 231 -0.74 13.39 -2.10
CA PRO A 231 -1.12 12.53 -3.22
C PRO A 231 -0.56 13.04 -4.54
N SER A 232 -0.31 12.10 -5.45
CA SER A 232 0.24 12.42 -6.76
C SER A 232 -0.01 11.25 -7.70
N GLN A 233 -0.04 11.54 -9.00
CA GLN A 233 -0.22 10.48 -9.98
C GLN A 233 0.94 9.49 -9.95
N GLU A 234 2.15 9.97 -9.65
CA GLU A 234 3.30 9.07 -9.53
C GLU A 234 3.18 8.22 -8.26
N ASN A 235 2.70 8.82 -7.17
CA ASN A 235 2.54 8.06 -5.94
C ASN A 235 1.53 6.93 -6.12
N PHE A 236 0.49 7.14 -6.92
CA PHE A 236 -0.51 6.09 -7.09
C PHE A 236 0.02 4.92 -7.91
N VAL A 237 0.71 5.21 -9.02
CA VAL A 237 1.25 4.11 -9.83
C VAL A 237 2.34 3.39 -9.06
N ARG A 238 3.14 4.12 -8.28
CA ARG A 238 4.17 3.47 -7.46
C ARG A 238 3.55 2.58 -6.40
N ARG A 239 2.42 3.01 -5.83
CA ARG A 239 1.79 2.21 -4.80
C ARG A 239 1.11 0.96 -5.35
N ASN A 240 0.76 0.93 -6.65
CA ASN A 240 0.03 -0.22 -7.17
C ASN A 240 0.90 -1.48 -7.29
N ARG A 241 2.23 -1.33 -7.31
CA ARG A 241 3.08 -2.53 -7.22
C ARG A 241 2.87 -3.22 -5.88
N ILE A 242 2.62 -2.45 -4.82
CA ILE A 242 2.31 -3.04 -3.52
C ILE A 242 0.98 -3.79 -3.59
N GLN A 243 -0.05 -3.13 -4.12
CA GLN A 243 -1.36 -3.72 -4.22
C GLN A 243 -1.34 -5.01 -5.01
N ALA A 244 -0.60 -5.02 -6.13
CA ALA A 244 -0.47 -6.24 -6.91
C ALA A 244 0.24 -7.33 -6.12
N ALA A 245 1.32 -6.97 -5.43
CA ALA A 245 2.10 -7.95 -4.70
C ALA A 245 1.28 -8.57 -3.57
N LEU A 246 0.53 -7.75 -2.85
CA LEU A 246 -0.28 -8.28 -1.75
C LEU A 246 -1.46 -9.12 -2.23
N SER A 247 -1.93 -8.89 -3.47
CA SER A 247 -3.11 -9.57 -3.99
C SER A 247 -2.73 -10.97 -4.47
N ASP A 248 -3.12 -11.98 -3.71
CA ASP A 248 -3.01 -13.36 -4.20
C ASP A 248 -3.86 -13.54 -5.45
N VAL A 249 -5.03 -12.90 -5.48
CA VAL A 249 -5.88 -12.82 -6.65
C VAL A 249 -6.21 -11.36 -6.87
N LEU A 250 -6.06 -10.89 -8.10
CA LEU A 250 -6.41 -9.52 -8.46
C LEU A 250 -7.71 -9.53 -9.25
N ILE A 251 -8.67 -8.71 -8.83
CA ILE A 251 -9.94 -8.60 -9.52
C ILE A 251 -10.14 -7.16 -9.96
N PRO A 252 -9.67 -6.78 -11.15
CA PRO A 252 -10.01 -5.46 -11.69
C PRO A 252 -11.45 -5.47 -12.18
N VAL A 253 -12.30 -4.67 -11.54
CA VAL A 253 -13.74 -4.75 -11.81
C VAL A 253 -14.08 -3.97 -13.07
N GLU A 254 -13.76 -2.68 -13.10
CA GLU A 254 -14.03 -1.82 -14.24
C GLU A 254 -12.81 -0.96 -14.49
N TRP A 255 -12.26 -1.02 -15.70
CA TRP A 255 -10.99 -0.37 -15.99
C TRP A 255 -10.75 -0.33 -17.49
N GLY A 256 -10.10 0.74 -17.97
CA GLY A 256 -9.61 0.83 -19.32
C GLY A 256 -8.14 0.47 -19.38
N LEU A 257 -7.73 0.10 -20.56
CA LEU A 257 -6.31 -0.07 -20.83
C LEU A 257 -5.62 1.30 -20.88
N LYS A 258 -4.35 1.31 -20.59
CA LYS A 258 -3.59 2.54 -20.48
C LYS A 258 -4.23 3.46 -19.47
N SER A 259 -4.51 2.86 -18.35
CA SER A 259 -5.13 3.42 -17.17
C SER A 259 -4.25 3.10 -15.98
N GLY A 260 -4.61 3.67 -14.87
CA GLY A 260 -3.90 3.33 -13.65
C GLY A 260 -3.96 1.85 -13.30
N THR A 261 -5.16 1.32 -13.34
CA THR A 261 -5.42 -0.06 -12.97
C THR A 261 -4.75 -1.03 -13.92
N SER A 262 -4.53 -0.67 -15.18
CA SER A 262 -3.80 -1.56 -16.07
C SER A 262 -2.39 -1.80 -15.55
N HIS A 263 -1.74 -0.78 -15.02
CA HIS A 263 -0.46 -0.99 -14.38
C HIS A 263 -0.57 -2.09 -13.34
N THR A 264 -1.53 -1.98 -12.44
CA THR A 264 -1.68 -3.00 -11.42
C THR A 264 -1.88 -4.38 -12.05
N VAL A 265 -2.74 -4.48 -13.06
CA VAL A 265 -2.99 -5.77 -13.67
C VAL A 265 -1.73 -6.30 -14.33
N ARG A 266 -1.03 -5.46 -15.08
CA ARG A 266 0.25 -5.87 -15.63
C ARG A 266 1.16 -6.38 -14.52
N TYR A 267 1.43 -5.59 -13.50
CA TYR A 267 2.26 -6.06 -12.41
C TYR A 267 1.80 -7.43 -11.90
N ALA A 268 0.49 -7.57 -11.64
CA ALA A 268 -0.03 -8.84 -11.15
C ALA A 268 0.35 -9.96 -12.11
N ALA A 269 0.31 -9.70 -13.42
CA ALA A 269 0.75 -10.71 -14.37
C ALA A 269 2.23 -10.99 -14.23
N GLN A 270 3.04 -9.94 -14.06
CA GLN A 270 4.47 -10.12 -13.86
C GLN A 270 4.75 -10.92 -12.59
N LEU A 271 3.97 -10.67 -11.54
CA LEU A 271 4.10 -11.41 -10.29
C LEU A 271 3.42 -12.77 -10.34
N LYS A 272 2.78 -13.11 -11.47
CA LYS A 272 2.13 -14.41 -11.64
C LYS A 272 1.02 -14.60 -10.61
N ARG A 273 0.34 -13.51 -10.27
CA ARG A 273 -0.87 -13.60 -9.46
C ARG A 273 -2.04 -14.05 -10.33
N ALA A 274 -3.00 -14.73 -9.70
CA ALA A 274 -4.22 -15.07 -10.39
C ALA A 274 -5.03 -13.81 -10.67
N ILE A 275 -5.64 -13.74 -11.86
CA ILE A 275 -6.39 -12.58 -12.29
C ILE A 275 -7.79 -13.04 -12.70
N LEU A 276 -8.80 -12.50 -12.04
CA LEU A 276 -10.19 -12.80 -12.34
C LEU A 276 -10.87 -11.53 -12.86
N CYS A 277 -11.75 -11.67 -13.84
CA CYS A 277 -12.41 -10.50 -14.44
C CYS A 277 -13.92 -10.64 -14.40
N PRO A 278 -14.62 -9.83 -13.62
CA PRO A 278 -16.08 -9.96 -13.50
C PRO A 278 -16.78 -9.69 -14.82
N LEU A 279 -17.74 -10.55 -15.17
CA LEU A 279 -18.59 -10.37 -16.35
C LEU A 279 -20.02 -10.67 -15.96
N LEU A 280 -20.89 -9.67 -16.05
CA LEU A 280 -22.30 -9.87 -15.74
C LEU A 280 -22.90 -10.89 -16.70
N ARG A 281 -23.81 -11.72 -16.18
CA ARG A 281 -24.43 -12.75 -16.99
C ARG A 281 -25.05 -12.15 -18.24
N GLY A 282 -24.81 -12.81 -19.38
CA GLY A 282 -25.42 -12.41 -20.63
C GLY A 282 -24.76 -11.25 -21.34
N THR A 283 -23.64 -10.76 -20.84
CA THR A 283 -22.94 -9.64 -21.43
C THR A 283 -21.65 -10.10 -22.10
N THR A 284 -21.17 -9.27 -23.03
CA THR A 284 -20.02 -9.62 -23.86
C THR A 284 -18.74 -9.10 -23.23
N PRO A 285 -17.67 -9.90 -23.16
CA PRO A 285 -16.38 -9.36 -22.70
C PRO A 285 -15.92 -8.19 -23.54
N GLN A 286 -15.38 -7.18 -22.88
CA GLN A 286 -14.76 -6.05 -23.56
C GLN A 286 -13.26 -6.35 -23.77
N GLU A 287 -12.63 -5.54 -24.60
CA GLU A 287 -11.27 -5.85 -25.02
C GLU A 287 -10.30 -5.84 -23.84
N GLU A 288 -10.56 -5.04 -22.82
CA GLU A 288 -9.71 -5.09 -21.63
C GLU A 288 -9.79 -6.47 -20.98
N ILE A 289 -10.98 -7.08 -20.98
CA ILE A 289 -11.11 -8.45 -20.49
C ILE A 289 -10.44 -9.41 -21.48
N LYS A 290 -10.68 -9.22 -22.77
CA LYS A 290 -10.06 -10.08 -23.78
C LYS A 290 -8.54 -9.94 -23.74
N HIS A 291 -8.05 -8.73 -23.45
CA HIS A 291 -6.62 -8.51 -23.28
C HIS A 291 -6.06 -9.37 -22.15
N ALA A 292 -6.80 -9.46 -21.04
CA ALA A 292 -6.30 -10.18 -19.88
C ALA A 292 -6.30 -11.69 -20.10
N LEU A 293 -7.31 -12.20 -20.83
CA LEU A 293 -7.32 -13.61 -21.17
C LEU A 293 -6.21 -13.93 -22.16
N SER A 294 -5.90 -13.00 -23.05
CA SER A 294 -4.85 -13.22 -24.04
C SER A 294 -3.48 -13.17 -23.38
N GLU A 295 -3.11 -12.01 -22.85
CA GLU A 295 -1.81 -11.77 -22.25
C GLU A 295 -1.61 -12.55 -20.96
N TYR A 296 -2.38 -12.16 -19.95
CA TYR A 296 -2.11 -12.47 -18.56
C TYR A 296 -2.78 -13.77 -18.10
N SER A 297 -3.33 -14.56 -19.02
CA SER A 297 -3.97 -15.82 -18.67
C SER A 297 -5.03 -15.61 -17.59
N ALA A 298 -5.82 -14.54 -17.75
CA ALA A 298 -6.87 -14.24 -16.79
C ALA A 298 -8.01 -15.23 -16.96
N THR A 299 -9.02 -15.11 -16.09
CA THR A 299 -10.18 -15.98 -16.12
C THR A 299 -11.44 -15.17 -15.89
N ILE A 300 -12.48 -15.48 -16.65
CA ILE A 300 -13.78 -14.86 -16.44
C ILE A 300 -14.35 -15.33 -15.11
N MET A 301 -14.90 -14.40 -14.34
CA MET A 301 -15.71 -14.76 -13.18
C MET A 301 -17.13 -14.27 -13.43
N ASN A 302 -18.04 -15.21 -13.72
CA ASN A 302 -19.42 -14.86 -14.00
C ASN A 302 -20.08 -14.27 -12.76
N ILE A 303 -20.80 -13.17 -12.95
CA ILE A 303 -21.61 -12.58 -11.89
C ILE A 303 -23.05 -12.52 -12.38
N PRO A 304 -23.96 -13.30 -11.80
CA PRO A 304 -23.68 -14.24 -10.69
C PRO A 304 -22.89 -15.48 -11.13
N LEU A 305 -22.19 -16.10 -10.19
CA LEU A 305 -21.62 -17.42 -10.44
C LEU A 305 -22.71 -18.47 -10.53
N SER A 306 -23.81 -18.26 -9.78
CA SER A 306 -24.96 -19.13 -9.83
C SER A 306 -25.60 -19.13 -11.22
N ASP A 307 -26.33 -20.19 -11.50
CA ASP A 307 -27.22 -20.24 -12.66
C ASP A 307 -28.64 -19.95 -12.20
N PHE A 308 -29.50 -19.59 -13.17
CA PHE A 308 -30.91 -19.46 -12.87
C PHE A 308 -31.53 -20.79 -12.46
N LYS A 309 -30.93 -21.90 -12.87
CA LYS A 309 -31.44 -23.21 -12.48
C LYS A 309 -31.44 -23.37 -10.96
N ASP A 310 -30.50 -22.73 -10.27
CA ASP A 310 -30.48 -22.77 -8.81
C ASP A 310 -31.66 -22.00 -8.22
N VAL A 311 -32.11 -20.95 -8.92
CA VAL A 311 -33.28 -20.22 -8.46
C VAL A 311 -34.55 -21.05 -8.69
N GLN A 312 -34.62 -21.75 -9.82
CA GLN A 312 -35.78 -22.58 -10.10
C GLN A 312 -35.95 -23.66 -9.04
N SER A 313 -34.84 -24.26 -8.61
CA SER A 313 -34.91 -25.27 -7.56
C SER A 313 -35.68 -24.77 -6.35
N LEU A 314 -35.43 -23.52 -5.95
CA LEU A 314 -36.05 -22.97 -4.76
C LEU A 314 -37.53 -22.68 -4.99
N ILE A 315 -37.83 -21.95 -6.08
CA ILE A 315 -39.21 -21.55 -6.36
C ILE A 315 -40.12 -22.75 -6.32
N LYS A 316 -39.90 -23.71 -7.21
CA LYS A 316 -40.72 -24.92 -7.30
C LYS A 316 -39.97 -26.03 -6.58
N SER A 317 -40.31 -26.22 -5.31
CA SER A 317 -39.69 -27.24 -4.48
C SER A 317 -40.14 -28.63 -4.92
#